data_5UQ0
#
_entry.id   5UQ0
#
_cell.length_a   211.773
_cell.length_b   51.146
_cell.length_c   65.746
_cell.angle_alpha   90.00
_cell.angle_beta   107.33
_cell.angle_gamma   90.00
#
_symmetry.space_group_name_H-M   'C 1 2 1'
#
loop_
_entity.id
_entity.type
_entity.pdbx_description
1 polymer 'Fibroblast growth factor receptor 1'
2 non-polymer 2,2-dimethyl-2,3-dihydro-1-benzofuran-7-carboxamide
3 water water
#
_entity_poly.entity_id   1
_entity_poly.type   'polypeptide(L)'
_entity_poly.pdbx_seq_one_letter_code
;GAMSGVSEYELPEDPRWELPRDRLVLGKPLGEGAFGQVVLAEAIGLDKDKPNRVTKVAVKMLKSDATEKDLSDLISEMEM
MKMIGKHKNIINLLGACTQDGPLYVIVEYASKGNLREYLQARRPPGLEYSYNPSHNPEEQLSSKDLVSCAYQVARGMEYL
ASKKCIHRDLAARNVLVTEDNVMKIADFGLARDIHHIDYYKKTTNGRLPVKWMAPEALFDRIYTHQSDVWSFGVLLWEIF
TLGGSPYPGVPVEELFKLLKEGHRMDKPSNCTNELYMMMRDCWHAVPSQRPTFKQLVEDLDRIVALTSNQE
;
_entity_poly.pdbx_strand_id   A,B
#
loop_
_chem_comp.id
_chem_comp.type
_chem_comp.name
_chem_comp.formula
WP1 non-polymer 2,2-dimethyl-2,3-dihydro-1-benzofuran-7-carboxamide 'C11 H13 N O2'
#
# COMPACT_ATOMS: atom_id res chain seq x y z
N GLU A 10 14.32 -43.64 -14.03
CA GLU A 10 14.02 -42.31 -14.65
C GLU A 10 12.51 -42.06 -14.69
N LEU A 11 12.13 -40.79 -14.80
CA LEU A 11 10.77 -40.34 -14.45
C LEU A 11 9.64 -40.74 -15.37
N PRO A 12 8.48 -41.06 -14.77
CA PRO A 12 7.26 -41.35 -15.52
C PRO A 12 6.55 -40.07 -15.93
N GLU A 13 5.98 -40.08 -17.13
CA GLU A 13 5.28 -38.90 -17.60
C GLU A 13 3.90 -38.84 -16.99
N ASP A 14 3.39 -37.63 -16.91
CA ASP A 14 2.07 -37.40 -16.43
C ASP A 14 1.56 -36.28 -17.31
N PRO A 15 0.81 -36.67 -18.35
CA PRO A 15 0.23 -35.74 -19.32
C PRO A 15 -0.55 -34.63 -18.69
N ARG A 16 -0.92 -34.77 -17.44
CA ARG A 16 -1.73 -33.77 -16.82
C ARG A 16 -0.93 -32.47 -16.63
N TRP A 17 0.35 -32.62 -16.35
CA TRP A 17 1.20 -31.52 -15.97
C TRP A 17 2.37 -31.23 -16.97
N GLU A 18 2.63 -32.13 -17.91
CA GLU A 18 3.86 -32.05 -18.68
C GLU A 18 3.76 -30.86 -19.62
N LEU A 19 4.84 -30.10 -19.65
CA LEU A 19 4.98 -28.97 -20.53
C LEU A 19 6.27 -29.26 -21.26
N PRO A 20 6.24 -29.18 -22.60
CA PRO A 20 7.47 -29.43 -23.35
C PRO A 20 8.54 -28.40 -22.99
N ARG A 21 9.76 -28.89 -22.84
CA ARG A 21 10.89 -28.08 -22.39
CA ARG A 21 10.90 -28.08 -22.39
C ARG A 21 11.07 -26.78 -23.18
N ASP A 22 10.89 -26.86 -24.48
CA ASP A 22 11.12 -25.72 -25.33
C ASP A 22 10.07 -24.60 -25.19
N ARG A 23 9.00 -24.81 -24.41
CA ARG A 23 8.03 -23.73 -24.14
C ARG A 23 8.46 -22.89 -22.96
N LEU A 24 9.67 -23.11 -22.46
CA LEU A 24 10.16 -22.38 -21.29
C LEU A 24 11.40 -21.55 -21.59
N VAL A 25 11.30 -20.22 -21.48
CA VAL A 25 12.49 -19.39 -21.53
C VAL A 25 13.03 -19.07 -20.13
N LEU A 26 14.11 -19.76 -19.77
CA LEU A 26 14.79 -19.65 -18.48
C LEU A 26 15.44 -18.30 -18.35
N GLY A 27 14.99 -17.53 -17.38
CA GLY A 27 15.51 -16.20 -17.12
C GLY A 27 16.40 -16.22 -15.90
N LYS A 28 16.34 -15.17 -15.08
CA LYS A 28 17.30 -14.99 -13.95
C LYS A 28 17.01 -15.85 -12.71
N PRO A 29 18.04 -16.08 -11.88
CA PRO A 29 17.80 -16.85 -10.64
C PRO A 29 16.93 -16.11 -9.62
N LEU A 30 16.23 -16.88 -8.79
CA LEU A 30 15.33 -16.33 -7.77
C LEU A 30 15.71 -16.67 -6.30
N GLY A 31 16.51 -17.72 -6.12
CA GLY A 31 16.82 -18.22 -4.78
C GLY A 31 17.46 -19.58 -4.97
N GLU A 32 18.04 -20.15 -3.91
CA GLU A 32 18.83 -21.38 -4.07
C GLU A 32 19.13 -22.04 -2.73
N PHE A 35 19.87 -26.19 -1.10
CA PHE A 35 19.21 -27.34 -1.70
C PHE A 35 18.24 -26.93 -2.82
N GLY A 36 18.74 -26.95 -4.06
CA GLY A 36 17.97 -26.62 -5.27
C GLY A 36 18.11 -25.16 -5.65
N GLN A 37 18.11 -24.88 -6.97
CA GLN A 37 17.99 -23.49 -7.49
C GLN A 37 16.56 -23.23 -7.97
N VAL A 38 16.19 -21.95 -7.96
CA VAL A 38 14.91 -21.48 -8.52
C VAL A 38 15.11 -20.29 -9.47
N VAL A 39 14.61 -20.41 -10.70
CA VAL A 39 14.81 -19.40 -11.72
C VAL A 39 13.47 -18.79 -12.18
N LEU A 40 13.47 -17.49 -12.45
CA LEU A 40 12.37 -16.86 -13.15
C LEU A 40 12.34 -17.46 -14.56
N ALA A 41 11.18 -17.46 -15.21
CA ALA A 41 11.05 -18.06 -16.53
C ALA A 41 9.81 -17.57 -17.17
N GLU A 42 9.79 -17.66 -18.48
CA GLU A 42 8.62 -17.27 -19.19
C GLU A 42 8.15 -18.53 -19.84
N ALA A 43 6.88 -18.78 -19.76
CA ALA A 43 6.38 -20.03 -20.28
C ALA A 43 5.46 -19.67 -21.41
N ILE A 44 5.70 -20.32 -22.54
CA ILE A 44 4.93 -20.04 -23.74
C ILE A 44 3.81 -21.04 -23.85
N GLY A 45 2.57 -20.55 -23.90
CA GLY A 45 1.40 -21.37 -24.17
C GLY A 45 1.05 -22.34 -23.05
N LEU A 46 0.84 -21.81 -21.85
CA LEU A 46 0.55 -22.63 -20.67
C LEU A 46 -0.97 -22.88 -20.65
N ASP A 47 -1.78 -21.84 -20.83
CA ASP A 47 -3.22 -22.00 -21.05
C ASP A 47 -3.36 -22.45 -22.51
N LYS A 48 -4.57 -22.82 -22.96
CA LYS A 48 -4.80 -23.11 -24.39
C LYS A 48 -6.10 -22.54 -24.90
N PRO A 51 -1.99 -19.83 -25.51
CA PRO A 51 -1.45 -20.47 -26.74
C PRO A 51 -0.19 -19.72 -27.26
N ASN A 52 -0.35 -18.45 -27.57
CA ASN A 52 0.77 -17.59 -27.93
C ASN A 52 0.96 -16.52 -26.88
N ARG A 53 0.50 -16.80 -25.67
CA ARG A 53 0.70 -15.93 -24.52
C ARG A 53 1.94 -16.45 -23.74
N VAL A 54 2.68 -15.54 -23.15
CA VAL A 54 3.82 -15.88 -22.35
C VAL A 54 3.40 -15.58 -20.92
N THR A 55 3.80 -16.42 -19.97
CA THR A 55 3.46 -16.23 -18.57
C THR A 55 4.71 -16.39 -17.72
N LYS A 56 4.99 -15.39 -16.88
CA LYS A 56 6.18 -15.44 -15.98
C LYS A 56 5.97 -16.50 -14.89
N VAL A 57 6.97 -17.31 -14.58
CA VAL A 57 6.84 -18.39 -13.64
C VAL A 57 8.14 -18.71 -12.95
N ALA A 58 8.04 -19.50 -11.90
CA ALA A 58 9.21 -19.90 -11.12
C ALA A 58 9.40 -21.35 -11.37
N VAL A 59 10.63 -21.76 -11.55
CA VAL A 59 10.89 -23.08 -12.02
C VAL A 59 11.88 -23.66 -11.07
N LYS A 60 11.45 -24.72 -10.40
CA LYS A 60 12.23 -25.32 -9.37
C LYS A 60 12.97 -26.47 -10.01
N MET A 61 14.27 -26.57 -9.69
CA MET A 61 15.13 -27.66 -10.20
C MET A 61 16.30 -28.01 -9.24
N LEU A 62 16.98 -29.11 -9.53
CA LEU A 62 18.08 -29.58 -8.71
C LEU A 62 19.34 -28.79 -8.90
N LYS A 63 20.09 -28.60 -7.81
CA LYS A 63 21.40 -27.96 -7.86
C LYS A 63 22.33 -28.90 -8.61
N SER A 64 23.50 -28.39 -9.01
CA SER A 64 24.47 -29.13 -9.85
C SER A 64 24.88 -30.49 -9.24
N ASP A 65 25.60 -30.46 -8.11
CA ASP A 65 25.92 -31.68 -7.34
C ASP A 65 24.79 -31.98 -6.37
N ALA A 66 23.83 -32.78 -6.82
CA ALA A 66 22.68 -33.18 -6.04
C ALA A 66 22.52 -34.70 -6.09
N THR A 67 22.43 -35.32 -4.91
CA THR A 67 22.27 -36.78 -4.80
C THR A 67 20.82 -37.21 -5.02
N GLU A 68 20.60 -38.52 -5.08
CA GLU A 68 19.26 -39.10 -5.29
C GLU A 68 18.29 -38.78 -4.14
N LYS A 69 18.81 -38.33 -3.00
CA LYS A 69 17.97 -37.87 -1.90
C LYS A 69 17.21 -36.64 -2.36
N ASP A 70 17.99 -35.65 -2.78
CA ASP A 70 17.51 -34.37 -3.31
C ASP A 70 16.42 -34.59 -4.34
N LEU A 71 16.74 -35.37 -5.38
CA LEU A 71 15.80 -35.63 -6.45
C LEU A 71 14.46 -36.14 -5.94
N SER A 72 14.54 -37.10 -5.02
CA SER A 72 13.38 -37.85 -4.61
C SER A 72 12.37 -36.94 -3.90
N ASP A 73 12.91 -36.07 -3.06
CA ASP A 73 12.09 -35.07 -2.36
C ASP A 73 11.38 -34.14 -3.35
N LEU A 74 12.14 -33.70 -4.36
CA LEU A 74 11.56 -32.81 -5.36
C LEU A 74 10.37 -33.43 -6.06
N ILE A 75 10.51 -34.70 -6.37
CA ILE A 75 9.44 -35.44 -6.99
C ILE A 75 8.28 -35.48 -6.02
N SER A 76 8.62 -35.68 -4.75
CA SER A 76 7.61 -35.82 -3.73
C SER A 76 6.80 -34.54 -3.61
N GLU A 77 7.54 -33.42 -3.51
CA GLU A 77 6.88 -32.11 -3.44
C GLU A 77 5.95 -31.97 -4.61
N MET A 78 6.45 -32.30 -5.79
CA MET A 78 5.63 -32.13 -6.99
C MET A 78 4.39 -32.99 -6.82
N GLU A 79 4.63 -34.27 -6.51
CA GLU A 79 3.53 -35.24 -6.40
C GLU A 79 2.50 -34.81 -5.35
N MET A 80 2.99 -34.23 -4.27
CA MET A 80 2.14 -33.68 -3.23
C MET A 80 1.28 -32.51 -3.72
N MET A 81 1.89 -31.54 -4.42
CA MET A 81 1.12 -30.37 -4.93
C MET A 81 0.03 -30.82 -5.90
N LYS A 82 0.38 -31.80 -6.72
CA LYS A 82 -0.64 -32.47 -7.52
C LYS A 82 -1.89 -32.82 -6.70
N MET A 83 -1.68 -33.52 -5.60
CA MET A 83 -2.81 -33.97 -4.75
C MET A 83 -3.54 -32.85 -4.01
N ILE A 84 -2.82 -31.87 -3.48
CA ILE A 84 -3.48 -30.84 -2.67
C ILE A 84 -4.43 -29.92 -3.45
N GLY A 85 -4.16 -29.74 -4.76
CA GLY A 85 -4.99 -28.85 -5.58
C GLY A 85 -4.69 -27.37 -5.37
N LYS A 86 -5.62 -26.55 -5.85
CA LYS A 86 -5.41 -25.13 -6.03
C LYS A 86 -6.11 -24.30 -5.02
N HIS A 87 -5.42 -23.27 -4.52
CA HIS A 87 -6.07 -22.23 -3.74
C HIS A 87 -5.42 -20.91 -4.06
N LYS A 88 -6.23 -19.84 -4.06
CA LYS A 88 -5.74 -18.45 -4.25
C LYS A 88 -4.47 -18.15 -3.37
N ASN A 89 -4.36 -18.73 -2.17
CA ASN A 89 -3.37 -18.28 -1.23
C ASN A 89 -2.30 -19.29 -0.95
N ILE A 90 -2.11 -20.26 -1.83
CA ILE A 90 -0.86 -21.06 -1.77
C ILE A 90 -0.07 -20.92 -3.08
N ILE A 91 1.22 -21.25 -3.08
CA ILE A 91 1.97 -21.26 -4.31
C ILE A 91 1.60 -22.53 -5.03
N ASN A 92 0.82 -22.38 -6.11
CA ASN A 92 0.34 -23.47 -6.95
C ASN A 92 1.29 -24.09 -7.99
N LEU A 93 1.08 -25.36 -8.30
CA LEU A 93 1.79 -26.06 -9.33
C LEU A 93 1.15 -25.65 -10.62
N LEU A 94 1.98 -25.47 -11.64
CA LEU A 94 1.50 -25.04 -12.93
C LEU A 94 1.86 -26.06 -13.98
N GLY A 95 3.01 -26.76 -13.82
CA GLY A 95 3.38 -27.86 -14.68
C GLY A 95 4.79 -28.37 -14.38
N ALA A 96 5.41 -29.09 -15.31
CA ALA A 96 6.71 -29.75 -15.07
C ALA A 96 7.33 -30.28 -16.35
N CYS A 97 8.64 -30.45 -16.34
CA CYS A 97 9.35 -31.02 -17.44
C CYS A 97 10.16 -32.17 -16.86
N THR A 98 9.69 -33.36 -17.20
CA THR A 98 10.10 -34.59 -16.55
C THR A 98 10.84 -35.52 -17.51
N GLN A 99 10.52 -35.39 -18.80
CA GLN A 99 11.12 -36.18 -19.87
C GLN A 99 12.21 -35.40 -20.64
N ASP A 100 13.40 -35.98 -20.70
CA ASP A 100 14.40 -35.55 -21.69
C ASP A 100 15.20 -34.38 -21.17
N GLY A 101 15.79 -34.56 -19.99
CA GLY A 101 16.53 -33.51 -19.30
C GLY A 101 16.17 -33.41 -17.83
N PRO A 102 16.78 -32.46 -17.09
CA PRO A 102 16.58 -32.43 -15.63
C PRO A 102 15.12 -32.18 -15.24
N LEU A 103 14.75 -32.52 -14.01
CA LEU A 103 13.40 -32.25 -13.56
C LEU A 103 13.28 -30.73 -13.35
N TYR A 104 12.21 -30.14 -13.86
CA TYR A 104 11.88 -28.76 -13.61
C TYR A 104 10.45 -28.84 -13.13
N VAL A 105 10.18 -28.31 -11.94
CA VAL A 105 8.82 -28.22 -11.44
C VAL A 105 8.46 -26.79 -11.54
N ILE A 106 7.27 -26.50 -12.06
CA ILE A 106 6.91 -25.15 -12.36
C ILE A 106 5.76 -24.71 -11.50
N VAL A 107 5.96 -23.59 -10.82
CA VAL A 107 4.98 -23.06 -9.90
C VAL A 107 4.75 -21.60 -10.11
N GLU A 108 3.69 -21.09 -9.49
CA GLU A 108 3.32 -19.71 -9.66
C GLU A 108 4.45 -18.85 -9.16
N TYR A 109 4.67 -17.74 -9.87
CA TYR A 109 5.75 -16.77 -9.56
C TYR A 109 5.24 -15.69 -8.66
N ALA A 110 6.11 -15.30 -7.71
CA ALA A 110 5.82 -14.29 -6.68
C ALA A 110 6.80 -13.14 -6.81
N SER A 111 6.39 -12.06 -7.48
CA SER A 111 7.34 -10.98 -7.90
C SER A 111 7.88 -10.15 -6.74
N LYS A 112 7.06 -9.95 -5.70
CA LYS A 112 7.50 -9.19 -4.52
C LYS A 112 8.23 -9.96 -3.44
N GLY A 113 8.47 -11.23 -3.59
CA GLY A 113 9.30 -11.96 -2.63
C GLY A 113 8.55 -12.40 -1.37
N ASN A 114 9.28 -12.81 -0.35
CA ASN A 114 8.67 -13.33 0.84
C ASN A 114 8.24 -12.25 1.76
N LEU A 115 7.36 -12.60 2.66
CA LEU A 115 6.60 -11.60 3.41
C LEU A 115 7.47 -10.86 4.41
N ARG A 116 8.49 -11.54 4.93
CA ARG A 116 9.42 -10.92 5.85
C ARG A 116 10.02 -9.69 5.21
N GLU A 117 10.70 -9.90 4.07
CA GLU A 117 11.33 -8.82 3.30
C GLU A 117 10.34 -7.85 2.72
N TYR A 118 9.16 -8.33 2.37
CA TYR A 118 8.14 -7.42 1.92
C TYR A 118 7.85 -6.40 3.01
N LEU A 119 7.66 -6.90 4.23
CA LEU A 119 7.30 -6.07 5.36
C LEU A 119 8.46 -5.18 5.83
N GLN A 120 9.65 -5.75 5.95
CA GLN A 120 10.80 -4.97 6.34
C GLN A 120 10.95 -3.77 5.37
N ALA A 121 10.88 -4.02 4.08
CA ALA A 121 11.03 -2.88 3.18
C ALA A 121 9.93 -1.80 3.29
N ARG A 122 8.87 -1.99 4.06
CA ARG A 122 7.80 -0.99 4.13
C ARG A 122 7.60 -0.46 5.55
N ARG A 123 8.68 -0.51 6.34
CA ARG A 123 8.78 0.15 7.62
C ARG A 123 9.07 1.62 7.40
N PRO A 124 8.57 2.53 8.24
CA PRO A 124 8.97 3.95 8.02
C PRO A 124 10.40 4.26 8.51
N GLU A 139 4.83 3.15 -0.10
CA GLU A 139 5.57 1.96 0.31
C GLU A 139 4.91 1.41 1.58
N GLN A 140 4.45 2.32 2.42
CA GLN A 140 4.06 2.02 3.80
C GLN A 140 2.72 1.33 3.85
N LEU A 141 2.60 0.27 4.64
CA LEU A 141 1.35 -0.51 4.68
C LEU A 141 0.39 0.01 5.71
N SER A 142 -0.83 0.21 5.29
CA SER A 142 -1.87 0.69 6.16
C SER A 142 -2.17 -0.32 7.22
N SER A 143 -3.01 0.07 8.17
CA SER A 143 -3.50 -0.83 9.20
C SER A 143 -4.28 -1.98 8.58
N LYS A 144 -5.15 -1.66 7.63
CA LYS A 144 -6.04 -2.66 7.06
C LYS A 144 -5.28 -3.67 6.18
N ASP A 145 -4.29 -3.19 5.44
CA ASP A 145 -3.43 -4.08 4.71
C ASP A 145 -2.77 -5.14 5.57
N LEU A 146 -2.32 -4.74 6.76
CA LEU A 146 -1.59 -5.65 7.63
C LEU A 146 -2.50 -6.73 8.16
N VAL A 147 -3.76 -6.41 8.42
CA VAL A 147 -4.71 -7.42 8.86
C VAL A 147 -5.05 -8.34 7.69
N SER A 148 -5.28 -7.75 6.51
CA SER A 148 -5.62 -8.50 5.28
CA SER A 148 -5.63 -8.54 5.31
C SER A 148 -4.50 -9.47 4.92
N CYS A 149 -3.27 -9.01 5.07
CA CYS A 149 -2.18 -9.90 4.90
C CYS A 149 -2.37 -11.14 5.78
N ALA A 150 -2.75 -10.91 7.04
CA ALA A 150 -2.95 -12.02 7.98
C ALA A 150 -4.11 -12.94 7.60
N TYR A 151 -5.23 -12.33 7.23
CA TYR A 151 -6.42 -13.05 6.77
C TYR A 151 -6.07 -14.01 5.66
N GLN A 152 -5.45 -13.48 4.59
CA GLN A 152 -5.05 -14.27 3.43
C GLN A 152 -4.17 -15.50 3.81
N VAL A 153 -3.18 -15.30 4.66
CA VAL A 153 -2.35 -16.41 5.01
C VAL A 153 -3.19 -17.42 5.77
N ALA A 154 -4.17 -16.93 6.52
CA ALA A 154 -4.96 -17.84 7.36
C ALA A 154 -5.78 -18.74 6.45
N ARG A 155 -6.47 -18.09 5.52
CA ARG A 155 -7.14 -18.77 4.43
C ARG A 155 -6.28 -19.81 3.73
N GLY A 156 -5.07 -19.44 3.42
CA GLY A 156 -4.21 -20.37 2.78
C GLY A 156 -4.06 -21.62 3.60
N MET A 157 -3.73 -21.42 4.88
CA MET A 157 -3.56 -22.53 5.82
C MET A 157 -4.92 -23.20 6.12
N GLU A 158 -6.02 -22.46 6.10
CA GLU A 158 -7.31 -23.06 6.27
C GLU A 158 -7.47 -24.12 5.18
N TYR A 159 -7.21 -23.75 3.92
CA TYR A 159 -7.28 -24.68 2.80
C TYR A 159 -6.35 -25.88 3.03
N LEU A 160 -5.09 -25.63 3.38
CA LEU A 160 -4.13 -26.71 3.43
C LEU A 160 -4.59 -27.70 4.49
N ALA A 161 -5.17 -27.14 5.54
CA ALA A 161 -5.61 -27.91 6.69
C ALA A 161 -6.78 -28.81 6.30
N SER A 162 -7.75 -28.25 5.60
CA SER A 162 -8.81 -29.05 5.02
C SER A 162 -8.20 -30.20 4.19
N LYS A 163 -7.15 -29.98 3.44
CA LYS A 163 -6.58 -31.08 2.64
C LYS A 163 -5.63 -31.92 3.41
N LYS A 164 -5.77 -31.89 4.73
CA LYS A 164 -4.90 -32.65 5.63
C LYS A 164 -3.42 -32.38 5.36
N CYS A 165 -3.08 -31.16 4.96
CA CYS A 165 -1.68 -30.81 4.84
C CYS A 165 -1.17 -30.13 6.12
N ILE A 166 -0.04 -30.60 6.62
CA ILE A 166 0.57 -30.05 7.79
C ILE A 166 1.88 -29.46 7.38
N HIS A 167 1.98 -28.14 7.51
CA HIS A 167 3.09 -27.41 7.00
C HIS A 167 4.40 -27.69 7.70
N ARG A 168 4.46 -27.57 9.02
CA ARG A 168 5.71 -27.80 9.78
C ARG A 168 6.73 -26.67 9.87
N ASP A 169 6.61 -25.66 9.03
CA ASP A 169 7.57 -24.57 9.04
C ASP A 169 6.92 -23.27 8.59
N LEU A 170 5.66 -23.08 8.91
CA LEU A 170 5.00 -21.85 8.54
C LEU A 170 5.70 -20.68 9.16
N ALA A 171 5.94 -19.65 8.36
CA ALA A 171 6.65 -18.46 8.82
C ALA A 171 6.57 -17.41 7.67
N ALA A 172 6.77 -16.12 7.96
CA ALA A 172 6.77 -15.10 6.92
C ALA A 172 7.82 -15.32 5.81
N ARG A 173 8.96 -15.90 6.16
CA ARG A 173 9.96 -16.30 5.17
C ARG A 173 9.37 -17.24 4.09
N ASN A 174 8.38 -18.06 4.49
CA ASN A 174 7.77 -19.06 3.63
C ASN A 174 6.37 -18.65 3.21
N VAL A 175 6.08 -17.36 3.23
CA VAL A 175 4.90 -16.83 2.55
C VAL A 175 5.41 -15.85 1.50
N LEU A 176 4.96 -15.97 0.26
CA LEU A 176 5.48 -15.13 -0.81
C LEU A 176 4.37 -14.25 -1.26
N VAL A 177 4.74 -13.11 -1.82
CA VAL A 177 3.79 -12.10 -2.24
C VAL A 177 3.93 -11.86 -3.75
N THR A 178 2.80 -11.86 -4.44
CA THR A 178 2.76 -11.66 -5.89
C THR A 178 2.69 -10.19 -6.26
N GLU A 179 2.75 -9.93 -7.57
CA GLU A 179 2.70 -8.58 -8.12
C GLU A 179 1.42 -7.87 -7.66
N ASP A 180 0.35 -8.61 -7.37
CA ASP A 180 -0.87 -7.98 -6.92
C ASP A 180 -0.98 -7.97 -5.44
N ASN A 181 0.12 -8.21 -4.73
CA ASN A 181 0.05 -8.26 -3.26
C ASN A 181 -0.92 -9.32 -2.71
N VAL A 182 -0.87 -10.53 -3.30
CA VAL A 182 -1.65 -11.65 -2.83
C VAL A 182 -0.71 -12.58 -2.08
N MET A 183 -1.10 -12.96 -0.88
CA MET A 183 -0.21 -13.72 -0.01
C MET A 183 -0.33 -15.17 -0.39
N LYS A 184 0.81 -15.84 -0.57
CA LYS A 184 0.82 -17.19 -1.02
C LYS A 184 1.75 -18.02 -0.16
N ILE A 185 1.18 -18.99 0.56
CA ILE A 185 1.99 -19.93 1.33
C ILE A 185 2.86 -20.79 0.45
N ALA A 186 4.08 -21.00 0.88
CA ALA A 186 5.03 -21.65 0.06
C ALA A 186 5.64 -22.76 0.85
N ASP A 187 6.12 -23.79 0.15
CA ASP A 187 6.95 -24.85 0.72
C ASP A 187 6.11 -25.76 1.61
N PHE A 188 4.81 -25.74 1.37
CA PHE A 188 3.89 -26.50 2.16
C PHE A 188 3.89 -27.97 1.86
N GLY A 189 4.75 -28.41 0.95
CA GLY A 189 4.79 -29.79 0.49
C GLY A 189 6.11 -30.48 0.62
N LEU A 190 7.11 -29.80 1.16
CA LEU A 190 8.39 -30.47 1.40
C LEU A 190 8.23 -31.76 2.20
N LEU A 208 16.67 -19.21 12.36
CA LEU A 208 16.48 -20.30 13.32
C LEU A 208 14.99 -20.71 13.46
N PRO A 209 14.54 -21.74 12.70
CA PRO A 209 13.11 -22.13 12.67
C PRO A 209 12.54 -22.65 14.00
N VAL A 210 13.40 -23.06 14.93
CA VAL A 210 12.96 -23.40 16.28
C VAL A 210 12.08 -22.29 16.87
N LYS A 211 12.39 -21.04 16.56
CA LYS A 211 11.64 -19.94 17.15
C LYS A 211 10.20 -19.89 16.67
N TRP A 212 9.86 -20.74 15.71
CA TRP A 212 8.52 -20.85 15.15
C TRP A 212 7.77 -22.14 15.54
N MET A 213 8.47 -23.06 16.18
CA MET A 213 7.86 -24.33 16.54
C MET A 213 7.04 -24.24 17.80
N ALA A 214 5.84 -24.79 17.76
CA ALA A 214 5.13 -25.10 18.96
C ALA A 214 5.99 -26.02 19.84
N PRO A 215 5.86 -25.89 21.17
CA PRO A 215 6.69 -26.61 22.14
C PRO A 215 6.63 -28.13 22.01
N GLU A 216 5.45 -28.69 21.78
CA GLU A 216 5.34 -30.13 21.60
C GLU A 216 6.10 -30.63 20.35
N ALA A 217 6.19 -29.80 19.31
CA ALA A 217 6.94 -30.14 18.10
C ALA A 217 8.38 -29.93 18.40
N LEU A 218 8.65 -28.95 19.22
CA LEU A 218 10.02 -28.66 19.59
C LEU A 218 10.63 -29.76 20.46
N PHE A 219 9.82 -30.36 21.33
CA PHE A 219 10.35 -31.28 22.33
C PHE A 219 10.18 -32.72 21.90
N ASP A 220 9.00 -33.07 21.45
CA ASP A 220 8.68 -34.44 21.13
C ASP A 220 8.56 -34.68 19.62
N ARG A 221 8.91 -33.67 18.81
CA ARG A 221 8.77 -33.74 17.36
C ARG A 221 7.32 -34.10 16.88
N ILE A 222 6.30 -33.69 17.62
CA ILE A 222 4.92 -33.89 17.17
C ILE A 222 4.38 -32.67 16.42
N TYR A 223 4.21 -32.80 15.11
CA TYR A 223 3.64 -31.72 14.31
C TYR A 223 2.19 -32.00 14.03
N THR A 224 1.38 -30.95 13.92
CA THR A 224 -0.06 -31.10 13.76
C THR A 224 -0.67 -29.82 13.22
N HIS A 225 -1.93 -29.86 12.88
CA HIS A 225 -2.61 -28.63 12.55
C HIS A 225 -2.43 -27.65 13.70
N GLN A 226 -2.44 -28.17 14.92
CA GLN A 226 -2.28 -27.31 16.08
C GLN A 226 -0.91 -26.69 16.20
N SER A 227 0.17 -27.41 15.92
CA SER A 227 1.49 -26.79 15.97
C SER A 227 1.62 -25.76 14.84
N ASP A 228 0.99 -26.00 13.70
CA ASP A 228 0.96 -24.99 12.65
C ASP A 228 0.17 -23.76 13.11
N VAL A 229 -0.76 -23.90 14.03
CA VAL A 229 -1.48 -22.68 14.50
C VAL A 229 -0.57 -21.88 15.41
N TRP A 230 0.29 -22.60 16.11
CA TRP A 230 1.27 -21.94 16.93
C TRP A 230 2.12 -21.12 16.03
N SER A 231 2.50 -21.70 14.90
CA SER A 231 3.44 -21.05 14.02
C SER A 231 2.78 -19.82 13.45
N PHE A 232 1.49 -19.91 13.20
CA PHE A 232 0.74 -18.77 12.74
C PHE A 232 0.75 -17.60 13.71
N GLY A 233 0.68 -17.90 15.01
CA GLY A 233 0.78 -16.85 16.02
C GLY A 233 2.10 -16.10 15.94
N VAL A 234 3.20 -16.83 15.78
CA VAL A 234 4.46 -16.16 15.63
C VAL A 234 4.44 -15.30 14.35
N LEU A 235 3.78 -15.79 13.31
CA LEU A 235 3.69 -15.07 12.05
C LEU A 235 2.83 -13.81 12.18
N LEU A 236 1.71 -13.90 12.89
CA LEU A 236 0.95 -12.68 13.23
C LEU A 236 1.90 -11.69 13.89
N TRP A 237 2.76 -12.19 14.76
CA TRP A 237 3.71 -11.31 15.42
C TRP A 237 4.68 -10.65 14.41
N GLU A 238 5.28 -11.45 13.53
CA GLU A 238 6.10 -10.92 12.43
C GLU A 238 5.37 -9.86 11.61
N ILE A 239 4.06 -10.00 11.45
CA ILE A 239 3.36 -9.06 10.62
C ILE A 239 3.37 -7.72 11.30
N PHE A 240 2.87 -7.68 12.53
CA PHE A 240 2.60 -6.40 13.17
C PHE A 240 3.83 -5.73 13.80
N THR A 241 4.97 -6.41 13.78
CA THR A 241 6.29 -5.76 13.89
C THR A 241 6.93 -5.51 12.50
N LEU A 242 6.14 -5.52 11.44
CA LEU A 242 6.69 -5.37 10.11
C LEU A 242 7.99 -6.16 9.90
N GLY A 243 8.01 -7.41 10.33
CA GLY A 243 9.09 -8.29 9.97
C GLY A 243 10.13 -8.41 11.03
N GLY A 244 9.72 -8.18 12.28
CA GLY A 244 10.60 -8.28 13.42
C GLY A 244 11.11 -9.69 13.62
N SER A 245 12.25 -9.82 14.28
CA SER A 245 12.79 -11.12 14.66
C SER A 245 12.15 -11.58 16.00
N PRO A 246 11.75 -12.85 16.10
CA PRO A 246 11.07 -13.29 17.32
C PRO A 246 12.04 -13.55 18.42
N TYR A 247 11.64 -13.26 19.66
CA TYR A 247 12.47 -13.52 20.82
C TYR A 247 13.84 -12.90 20.58
N PRO A 248 13.88 -11.57 20.33
CA PRO A 248 15.19 -11.03 20.07
C PRO A 248 16.00 -11.16 21.33
N GLY A 249 17.26 -11.55 21.18
CA GLY A 249 18.16 -11.74 22.30
C GLY A 249 18.13 -13.09 22.98
N VAL A 250 17.10 -13.91 22.73
CA VAL A 250 17.03 -15.18 23.39
C VAL A 250 17.84 -16.22 22.63
N PRO A 251 18.82 -16.85 23.32
CA PRO A 251 19.51 -17.97 22.71
C PRO A 251 18.60 -19.18 22.67
N VAL A 252 18.92 -20.12 21.80
CA VAL A 252 18.16 -21.36 21.68
C VAL A 252 18.45 -22.35 22.80
N GLU A 254 18.03 -22.39 25.71
CA GLU A 254 17.30 -21.60 26.70
C GLU A 254 15.81 -21.62 26.41
N LEU A 255 15.47 -21.27 25.18
CA LEU A 255 14.08 -21.00 24.77
C LEU A 255 13.17 -22.17 25.04
N PHE A 256 13.74 -23.38 24.99
CA PHE A 256 13.02 -24.59 25.34
C PHE A 256 12.33 -24.42 26.71
N LYS A 257 13.15 -24.12 27.72
CA LYS A 257 12.65 -23.98 29.08
C LYS A 257 11.72 -22.75 29.25
N LEU A 258 12.17 -21.60 28.74
CA LEU A 258 11.39 -20.35 28.83
C LEU A 258 9.98 -20.53 28.31
N LEU A 259 9.85 -21.26 27.23
CA LEU A 259 8.53 -21.60 26.77
C LEU A 259 7.77 -22.50 27.76
N LYS A 260 8.48 -23.47 28.36
CA LYS A 260 7.88 -24.34 29.39
C LYS A 260 7.44 -23.54 30.62
N GLU A 261 8.22 -22.52 30.98
CA GLU A 261 7.86 -21.63 32.09
C GLU A 261 6.72 -20.66 31.77
N GLY A 262 6.25 -20.64 30.54
CA GLY A 262 5.11 -19.81 30.18
C GLY A 262 5.50 -18.49 29.58
N HIS A 263 6.73 -18.43 29.07
CA HIS A 263 7.16 -17.24 28.41
C HIS A 263 6.42 -17.02 27.09
N ARG A 264 5.88 -15.81 26.89
CA ARG A 264 5.31 -15.42 25.63
C ARG A 264 5.82 -14.04 25.21
N MET A 265 6.01 -13.86 23.91
CA MET A 265 6.41 -12.60 23.36
C MET A 265 5.42 -11.53 23.77
N ASP A 266 5.95 -10.35 23.94
CA ASP A 266 5.12 -9.23 24.29
C ASP A 266 4.46 -8.77 23.04
N LYS A 267 3.44 -7.97 23.23
CA LYS A 267 2.69 -7.40 22.18
C LYS A 267 3.56 -6.41 21.44
N PRO A 268 3.44 -6.36 20.11
CA PRO A 268 4.20 -5.32 19.41
C PRO A 268 3.66 -3.91 19.67
N SER A 269 4.55 -2.93 19.71
CA SER A 269 4.16 -1.52 19.65
C SER A 269 3.27 -1.43 18.42
N ASN A 270 2.09 -0.85 18.54
CA ASN A 270 1.24 -0.68 17.33
C ASN A 270 0.63 -2.00 16.83
N CYS A 271 -0.06 -2.68 17.73
CA CYS A 271 -0.91 -3.83 17.44
C CYS A 271 -2.09 -3.74 18.37
N THR A 272 -3.31 -4.00 17.90
CA THR A 272 -4.48 -3.91 18.80
C THR A 272 -4.41 -5.04 19.81
N ASN A 273 -5.20 -4.93 20.87
CA ASN A 273 -5.17 -5.94 21.91
C ASN A 273 -5.85 -7.19 21.45
N GLU A 274 -6.93 -7.03 20.70
CA GLU A 274 -7.60 -8.17 20.03
C GLU A 274 -6.65 -9.11 19.27
N LEU A 275 -5.75 -8.50 18.51
CA LEU A 275 -4.79 -9.26 17.72
C LEU A 275 -3.67 -9.81 18.55
N TYR A 276 -3.35 -9.15 19.66
CA TYR A 276 -2.42 -9.73 20.60
C TYR A 276 -3.02 -10.95 21.29
N MET A 277 -4.32 -10.94 21.56
CA MET A 277 -4.94 -12.08 22.23
C MET A 277 -4.93 -13.25 21.31
N MET A 278 -5.28 -12.99 20.05
CA MET A 278 -5.22 -14.03 19.02
C MET A 278 -3.83 -14.66 18.94
N MET A 279 -2.77 -13.87 18.89
CA MET A 279 -1.45 -14.46 19.00
C MET A 279 -1.35 -15.34 20.25
N ARG A 280 -1.96 -14.86 21.33
CA ARG A 280 -1.80 -15.54 22.62
C ARG A 280 -2.56 -16.86 22.64
N ASP A 281 -3.80 -16.84 22.13
CA ASP A 281 -4.61 -18.04 21.89
C ASP A 281 -3.86 -19.04 21.00
N CYS A 282 -3.24 -18.53 19.95
CA CYS A 282 -2.43 -19.36 19.05
C CYS A 282 -1.31 -20.00 19.80
N TRP A 283 -0.80 -19.32 20.82
CA TRP A 283 0.29 -19.88 21.62
C TRP A 283 -0.17 -20.56 22.91
N HIS A 284 -1.41 -21.06 22.94
CA HIS A 284 -1.83 -21.89 24.09
C HIS A 284 -0.89 -23.03 24.37
N ALA A 285 -0.60 -23.25 25.65
CA ALA A 285 0.21 -24.42 26.06
C ALA A 285 -0.43 -25.75 25.69
N VAL A 286 -1.76 -25.76 25.71
CA VAL A 286 -2.52 -26.94 25.42
C VAL A 286 -3.05 -26.87 23.99
N PRO A 287 -2.50 -27.71 23.11
CA PRO A 287 -2.82 -27.77 21.71
C PRO A 287 -4.29 -27.79 21.38
N SER A 288 -5.03 -28.62 22.11
CA SER A 288 -6.48 -28.71 21.90
C SER A 288 -7.17 -27.39 22.19
N GLN A 289 -6.46 -26.48 22.84
CA GLN A 289 -7.06 -25.23 23.29
C GLN A 289 -6.81 -24.01 22.36
N ARG A 290 -5.91 -24.19 21.41
CA ARG A 290 -5.68 -23.21 20.32
C ARG A 290 -6.86 -23.12 19.37
N PRO A 291 -7.07 -21.92 18.78
CA PRO A 291 -8.11 -21.87 17.79
C PRO A 291 -7.64 -22.66 16.57
N THR A 292 -8.60 -22.99 15.69
CA THR A 292 -8.32 -23.61 14.39
C THR A 292 -8.20 -22.51 13.34
N PHE A 293 -7.63 -22.85 12.18
CA PHE A 293 -7.64 -21.92 11.02
C PHE A 293 -9.04 -21.55 10.59
N LYS A 294 -9.97 -22.50 10.64
CA LYS A 294 -11.36 -22.13 10.38
C LYS A 294 -11.75 -20.91 11.23
N GLN A 295 -11.59 -20.97 12.56
CA GLN A 295 -12.03 -19.87 13.43
C GLN A 295 -11.19 -18.62 13.22
N LEU A 296 -9.87 -18.81 13.08
CA LEU A 296 -8.95 -17.71 12.77
C LEU A 296 -9.40 -16.89 11.58
N VAL A 297 -9.86 -17.60 10.56
CA VAL A 297 -10.36 -16.95 9.39
C VAL A 297 -11.59 -16.16 9.71
N GLU A 298 -12.51 -16.74 10.46
CA GLU A 298 -13.71 -15.97 10.80
C GLU A 298 -13.38 -14.74 11.63
N ASP A 299 -12.39 -14.88 12.52
CA ASP A 299 -12.04 -13.76 13.39
C ASP A 299 -11.38 -12.67 12.60
N LEU A 300 -10.36 -13.03 11.82
CA LEU A 300 -9.68 -12.04 10.99
C LEU A 300 -10.67 -11.43 9.98
N ASP A 301 -11.63 -12.21 9.51
CA ASP A 301 -12.55 -11.63 8.57
C ASP A 301 -13.24 -10.46 9.21
N ARG A 302 -13.90 -10.70 10.32
CA ARG A 302 -14.62 -9.65 11.01
C ARG A 302 -13.66 -8.49 11.32
N ILE A 303 -12.49 -8.82 11.84
CA ILE A 303 -11.58 -7.80 12.29
C ILE A 303 -11.23 -6.91 11.11
N VAL A 304 -10.90 -7.53 9.99
CA VAL A 304 -10.58 -6.78 8.80
C VAL A 304 -11.73 -5.81 8.52
N ALA A 305 -12.97 -6.30 8.58
CA ALA A 305 -14.13 -5.47 8.25
C ALA A 305 -14.22 -4.26 9.16
N LEU A 306 -13.85 -4.44 10.42
CA LEU A 306 -13.91 -3.33 11.37
C LEU A 306 -12.67 -2.45 11.38
N THR A 307 -11.61 -2.83 10.68
CA THR A 307 -10.34 -2.09 10.79
C THR A 307 -10.37 -0.87 9.87
N SER A 308 -9.85 0.26 10.38
CA SER A 308 -9.83 1.52 9.63
C SER A 308 -8.83 1.51 8.46
N ASN A 309 -9.37 1.71 7.27
CA ASN A 309 -8.58 2.03 6.08
C ASN A 309 -7.79 3.36 6.22
N GLN A 310 -8.37 4.32 6.93
CA GLN A 310 -7.79 5.66 7.09
C GLN A 310 -6.62 5.77 8.11
N GLU A 311 -6.36 4.71 8.89
CA GLU A 311 -5.32 4.71 9.93
C GLU A 311 -3.93 4.42 9.33
N TYR B 9 13.90 7.11 -26.22
CA TYR B 9 13.48 7.22 -27.68
C TYR B 9 11.97 7.22 -27.90
N GLU B 10 11.24 6.30 -27.24
CA GLU B 10 9.78 6.15 -27.39
C GLU B 10 9.08 5.96 -26.03
N LEU B 11 7.91 6.58 -25.89
CA LEU B 11 7.12 6.44 -24.69
C LEU B 11 5.94 5.53 -24.99
N PRO B 12 5.62 4.60 -24.05
CA PRO B 12 4.45 3.72 -24.15
C PRO B 12 3.20 4.48 -24.49
N GLU B 13 2.35 3.89 -25.31
CA GLU B 13 1.12 4.53 -25.74
C GLU B 13 -0.11 4.08 -24.90
N ASP B 14 -1.10 4.96 -24.80
CA ASP B 14 -2.38 4.63 -24.17
C ASP B 14 -3.47 5.41 -24.87
N PRO B 15 -4.28 4.74 -25.71
CA PRO B 15 -5.18 5.49 -26.57
C PRO B 15 -6.35 6.09 -25.83
N ARG B 16 -6.61 5.64 -24.61
CA ARG B 16 -7.71 6.22 -23.81
C ARG B 16 -7.51 7.73 -23.54
N TRP B 17 -6.26 8.13 -23.35
CA TRP B 17 -5.96 9.49 -22.95
C TRP B 17 -5.26 10.33 -24.02
N GLU B 18 -4.63 9.67 -24.99
CA GLU B 18 -3.81 10.38 -25.95
C GLU B 18 -4.64 11.39 -26.75
N LEU B 19 -3.99 12.49 -27.12
CA LEU B 19 -4.58 13.56 -27.89
C LEU B 19 -3.62 14.03 -28.97
N PRO B 20 -4.10 14.10 -30.22
CA PRO B 20 -3.28 14.67 -31.30
C PRO B 20 -2.79 16.07 -30.95
N ARG B 21 -1.50 16.27 -31.17
CA ARG B 21 -0.88 17.56 -30.91
C ARG B 21 -1.51 18.70 -31.72
N ASP B 22 -2.13 18.36 -32.85
CA ASP B 22 -2.76 19.37 -33.72
C ASP B 22 -4.06 19.91 -33.11
N ARG B 23 -4.64 19.16 -32.18
CA ARG B 23 -5.83 19.60 -31.48
C ARG B 23 -5.48 20.38 -30.19
N LEU B 24 -4.22 20.79 -30.02
CA LEU B 24 -3.77 21.48 -28.80
C LEU B 24 -2.82 22.63 -29.10
N VAL B 25 -3.22 23.85 -28.74
CA VAL B 25 -2.47 25.06 -29.05
C VAL B 25 -1.90 25.71 -27.81
N LEU B 26 -0.59 25.64 -27.65
CA LEU B 26 0.07 26.19 -26.49
C LEU B 26 -0.08 27.71 -26.42
N GLY B 27 0.11 28.27 -25.22
CA GLY B 27 -0.03 29.71 -24.95
C GLY B 27 0.88 30.21 -23.83
N LYS B 28 0.40 31.17 -23.07
CA LYS B 28 1.17 31.83 -22.01
C LYS B 28 1.63 30.83 -20.96
N PRO B 29 2.86 30.98 -20.45
CA PRO B 29 3.29 30.20 -19.27
C PRO B 29 2.41 30.46 -18.07
N LEU B 30 2.33 29.47 -17.19
CA LEU B 30 1.61 29.61 -15.92
C LEU B 30 2.45 29.30 -14.71
N GLY B 31 3.55 28.54 -14.85
CA GLY B 31 4.43 28.28 -13.72
C GLY B 31 5.59 27.36 -14.00
N GLU B 32 6.54 27.33 -13.05
CA GLU B 32 7.75 26.50 -13.07
C GLU B 32 8.14 26.13 -11.65
N GLY B 36 8.37 20.11 -13.85
CA GLY B 36 9.07 20.90 -14.87
C GLY B 36 8.45 22.27 -15.04
N GLN B 37 7.48 22.41 -15.93
CA GLN B 37 6.87 23.73 -16.21
C GLN B 37 5.46 23.53 -16.72
N VAL B 38 4.67 24.60 -16.82
CA VAL B 38 3.27 24.48 -17.12
C VAL B 38 2.81 25.62 -17.99
N VAL B 39 2.06 25.32 -19.05
CA VAL B 39 1.52 26.42 -19.86
C VAL B 39 0.04 26.34 -19.93
N LEU B 40 -0.58 27.47 -20.24
CA LEU B 40 -1.99 27.48 -20.60
C LEU B 40 -2.04 26.98 -22.05
N ALA B 41 -3.17 26.47 -22.48
CA ALA B 41 -3.29 25.96 -23.84
C ALA B 41 -4.74 25.87 -24.18
N GLU B 42 -5.05 25.89 -25.45
CA GLU B 42 -6.42 25.68 -25.88
C GLU B 42 -6.47 24.26 -26.46
N ALA B 43 -7.42 23.45 -26.00
CA ALA B 43 -7.65 22.13 -26.60
C ALA B 43 -9.04 22.10 -27.17
N ILE B 44 -9.17 21.41 -28.30
CA ILE B 44 -10.44 21.26 -28.99
C ILE B 44 -10.75 19.76 -28.92
N GLY B 45 -11.99 19.44 -28.49
CA GLY B 45 -12.44 18.05 -28.28
C GLY B 45 -12.72 17.78 -26.81
N LEU B 46 -11.99 16.79 -26.26
CA LEU B 46 -11.96 16.51 -24.82
C LEU B 46 -13.36 16.45 -24.17
N ARG B 53 -16.02 21.50 -29.72
CA ARG B 53 -16.05 22.49 -28.64
C ARG B 53 -14.65 22.70 -28.03
N VAL B 54 -14.31 23.96 -27.67
CA VAL B 54 -12.95 24.34 -27.26
C VAL B 54 -12.87 24.62 -25.76
N THR B 55 -11.70 24.38 -25.16
CA THR B 55 -11.47 24.50 -23.71
C THR B 55 -10.09 25.06 -23.39
N LYS B 56 -10.02 26.02 -22.47
CA LYS B 56 -8.73 26.46 -21.94
C LYS B 56 -8.32 25.38 -20.91
N VAL B 57 -7.04 24.98 -20.95
CA VAL B 57 -6.50 23.91 -20.07
C VAL B 57 -5.06 24.18 -19.71
N ALA B 58 -4.47 23.35 -18.87
CA ALA B 58 -3.12 23.54 -18.44
C ALA B 58 -2.24 22.36 -18.81
N VAL B 59 -1.10 22.64 -19.39
CA VAL B 59 -0.27 21.56 -19.85
C VAL B 59 0.99 21.51 -19.04
N LYS B 60 1.29 20.33 -18.53
CA LYS B 60 2.49 20.11 -17.76
C LYS B 60 3.49 19.39 -18.60
N MET B 61 4.75 19.82 -18.53
CA MET B 61 5.81 19.25 -19.37
C MET B 61 7.16 19.52 -18.77
N LEU B 62 8.16 18.78 -19.22
CA LEU B 62 9.49 18.95 -18.71
C LEU B 62 10.09 20.24 -19.25
N LYS B 63 11.15 20.69 -18.59
CA LYS B 63 11.96 21.79 -19.07
C LYS B 63 13.17 21.15 -19.75
N SER B 64 13.80 21.90 -20.66
CA SER B 64 14.98 21.44 -21.41
C SER B 64 16.05 20.83 -20.48
N ASP B 65 16.18 21.47 -19.32
CA ASP B 65 17.15 21.11 -18.29
C ASP B 65 16.97 19.67 -17.82
N ALA B 66 15.83 19.04 -18.15
CA ALA B 66 15.38 17.78 -17.53
C ALA B 66 16.22 16.53 -17.80
N THR B 67 15.81 15.39 -17.26
CA THR B 67 16.64 14.20 -17.07
C THR B 67 15.80 12.91 -17.21
N GLU B 68 16.43 11.75 -17.35
CA GLU B 68 15.66 10.51 -17.36
C GLU B 68 14.80 10.52 -16.08
N LYS B 69 15.46 10.63 -14.93
CA LYS B 69 14.81 10.84 -13.61
C LYS B 69 13.54 11.68 -13.73
N ASP B 70 13.65 12.94 -14.10
CA ASP B 70 12.46 13.80 -14.23
C ASP B 70 11.35 13.23 -15.13
N LEU B 71 11.73 12.58 -16.22
CA LEU B 71 10.72 12.07 -17.16
C LEU B 71 9.97 10.96 -16.48
N SER B 72 10.74 10.11 -15.82
CA SER B 72 10.14 9.00 -15.10
C SER B 72 9.12 9.51 -14.08
N ASP B 73 9.51 10.56 -13.36
CA ASP B 73 8.66 11.15 -12.35
C ASP B 73 7.41 11.65 -12.98
N LEU B 74 7.54 12.41 -14.05
CA LEU B 74 6.36 13.05 -14.60
C LEU B 74 5.39 11.99 -15.10
N ILE B 75 5.93 10.87 -15.56
CA ILE B 75 5.09 9.78 -16.06
C ILE B 75 4.36 9.11 -14.91
N SER B 76 5.12 8.72 -13.88
CA SER B 76 4.51 8.23 -12.64
C SER B 76 3.34 9.09 -12.24
N GLU B 77 3.57 10.38 -12.13
CA GLU B 77 2.49 11.26 -11.75
C GLU B 77 1.30 11.10 -12.68
N MET B 78 1.56 10.93 -13.97
CA MET B 78 0.46 10.77 -14.92
C MET B 78 -0.30 9.48 -14.67
N GLU B 79 0.41 8.40 -14.41
CA GLU B 79 -0.27 7.12 -14.21
C GLU B 79 -1.18 7.22 -12.98
N MET B 80 -0.59 7.77 -11.92
CA MET B 80 -1.28 8.04 -10.67
C MET B 80 -2.61 8.68 -10.91
N MET B 81 -2.62 9.73 -11.69
CA MET B 81 -3.87 10.44 -11.91
C MET B 81 -4.91 9.53 -12.57
N LYS B 82 -4.45 8.65 -13.46
CA LYS B 82 -5.33 7.66 -14.08
C LYS B 82 -5.83 6.65 -13.07
N MET B 83 -4.94 6.02 -12.29
CA MET B 83 -5.36 5.17 -11.12
C MET B 83 -6.45 5.86 -10.24
N ILE B 84 -6.21 7.12 -9.86
CA ILE B 84 -7.01 7.77 -8.83
C ILE B 84 -8.38 8.16 -9.32
N GLY B 85 -8.51 8.48 -10.59
CA GLY B 85 -9.83 8.81 -11.11
C GLY B 85 -10.29 10.22 -10.81
N LYS B 86 -11.52 10.51 -11.26
CA LYS B 86 -12.05 11.89 -11.35
C LYS B 86 -12.87 12.33 -10.11
N HIS B 87 -12.93 13.65 -9.91
CA HIS B 87 -13.73 14.30 -8.85
C HIS B 87 -13.80 15.81 -9.05
N LYS B 88 -14.95 16.43 -8.76
CA LYS B 88 -15.11 17.89 -8.92
C LYS B 88 -13.97 18.72 -8.25
N ASN B 89 -13.37 18.18 -7.17
CA ASN B 89 -12.51 18.96 -6.25
C ASN B 89 -11.08 18.50 -6.17
N ILE B 90 -10.65 17.84 -7.24
CA ILE B 90 -9.22 17.70 -7.48
C ILE B 90 -8.89 18.26 -8.86
N ILE B 91 -7.60 18.35 -9.17
CA ILE B 91 -7.15 18.78 -10.47
C ILE B 91 -7.02 17.52 -11.31
N ASN B 92 -8.01 17.31 -12.18
CA ASN B 92 -8.09 16.11 -13.05
C ASN B 92 -7.23 16.10 -14.32
N LEU B 93 -6.85 14.89 -14.67
CA LEU B 93 -6.24 14.58 -15.95
C LEU B 93 -7.28 14.67 -17.05
N LEU B 94 -7.03 15.48 -18.07
CA LEU B 94 -7.91 15.59 -19.21
C LEU B 94 -7.33 14.86 -20.45
N GLY B 95 -6.02 14.85 -20.60
CA GLY B 95 -5.35 14.08 -21.64
C GLY B 95 -3.83 14.18 -21.61
N ALA B 96 -3.21 13.58 -22.61
CA ALA B 96 -1.75 13.53 -22.68
C ALA B 96 -1.28 13.50 -24.14
N CYS B 97 -0.11 14.10 -24.41
CA CYS B 97 0.60 13.89 -25.66
C CYS B 97 1.88 13.19 -25.29
N THR B 98 2.02 11.94 -25.71
CA THR B 98 3.14 11.04 -25.35
C THR B 98 4.01 10.57 -26.53
N GLN B 99 3.47 10.67 -27.75
CA GLN B 99 4.14 10.13 -28.96
C GLN B 99 4.73 11.24 -29.79
N ASP B 100 5.92 11.00 -30.35
CA ASP B 100 6.54 11.93 -31.32
C ASP B 100 6.70 13.30 -30.71
N GLY B 101 7.64 13.41 -29.79
CA GLY B 101 7.85 14.69 -29.15
C GLY B 101 7.64 14.66 -27.65
N PRO B 102 7.70 15.85 -27.04
CA PRO B 102 7.76 15.96 -25.59
C PRO B 102 6.44 15.54 -24.94
N LEU B 103 6.55 14.78 -23.84
CA LEU B 103 5.45 14.56 -22.90
C LEU B 103 4.74 15.82 -22.41
N TYR B 104 3.43 15.81 -22.63
CA TYR B 104 2.51 16.83 -22.15
C TYR B 104 1.45 16.09 -21.38
N VAL B 105 1.33 16.41 -20.08
CA VAL B 105 0.26 15.94 -19.25
C VAL B 105 -0.77 17.05 -19.11
N ILE B 106 -1.96 16.81 -19.64
CA ILE B 106 -2.93 17.87 -19.72
C ILE B 106 -3.94 17.75 -18.62
N VAL B 107 -4.07 18.82 -17.83
CA VAL B 107 -4.91 18.84 -16.64
C VAL B 107 -5.82 20.09 -16.58
N GLU B 108 -6.79 20.11 -15.69
CA GLU B 108 -7.75 21.25 -15.65
C GLU B 108 -7.08 22.54 -15.27
N TYR B 109 -7.51 23.59 -15.94
CA TYR B 109 -6.97 24.90 -15.74
C TYR B 109 -7.70 25.58 -14.61
N ALA B 110 -6.94 26.19 -13.68
CA ALA B 110 -7.50 26.94 -12.57
C ALA B 110 -7.28 28.43 -12.77
N SER B 111 -8.32 29.12 -13.25
CA SER B 111 -8.21 30.53 -13.68
C SER B 111 -7.84 31.52 -12.57
N LYS B 112 -8.31 31.31 -11.35
CA LYS B 112 -8.07 32.32 -10.28
C LYS B 112 -6.94 31.96 -9.30
N GLY B 113 -5.97 31.19 -9.78
CA GLY B 113 -4.76 30.86 -9.04
C GLY B 113 -4.93 29.94 -7.83
N ASN B 114 -3.91 29.92 -6.98
CA ASN B 114 -3.94 29.08 -5.81
C ASN B 114 -4.80 29.74 -4.75
N LEU B 115 -5.18 28.96 -3.75
CA LEU B 115 -6.13 29.44 -2.73
C LEU B 115 -5.53 30.54 -1.79
N ARG B 116 -4.23 30.48 -1.54
CA ARG B 116 -3.64 31.45 -0.63
C ARG B 116 -3.78 32.84 -1.24
N GLU B 117 -3.22 32.99 -2.45
CA GLU B 117 -3.33 34.20 -3.28
C GLU B 117 -4.76 34.63 -3.47
N TYR B 118 -5.63 33.66 -3.61
CA TYR B 118 -7.04 33.94 -3.78
C TYR B 118 -7.62 34.62 -2.56
N LEU B 119 -7.38 34.07 -1.38
CA LEU B 119 -7.97 34.58 -0.16
C LEU B 119 -7.37 35.93 0.20
N GLN B 120 -6.05 36.05 0.00
CA GLN B 120 -5.30 37.30 0.22
C GLN B 120 -5.82 38.43 -0.62
N ALA B 121 -6.02 38.15 -1.90
CA ALA B 121 -6.50 39.15 -2.84
C ALA B 121 -7.94 39.57 -2.54
N ARG B 122 -8.66 38.80 -1.73
CA ARG B 122 -10.04 39.11 -1.35
C ARG B 122 -10.12 39.47 0.14
N ARG B 123 -9.14 40.26 0.58
CA ARG B 123 -9.06 40.78 1.95
C ARG B 123 -9.68 42.18 1.99
N GLN B 140 -15.64 41.24 -0.35
CA GLN B 140 -15.38 40.41 -1.52
C GLN B 140 -15.80 38.94 -1.29
N LEU B 141 -15.52 38.39 -0.10
CA LEU B 141 -15.83 37.00 0.23
C LEU B 141 -16.51 36.86 1.62
N SER B 142 -17.70 36.24 1.65
CA SER B 142 -18.49 36.08 2.90
C SER B 142 -18.13 34.82 3.67
N SER B 143 -18.66 34.71 4.89
CA SER B 143 -18.34 33.59 5.79
C SER B 143 -18.91 32.28 5.29
N LYS B 144 -19.92 32.34 4.41
CA LYS B 144 -20.45 31.15 3.77
C LYS B 144 -19.42 30.69 2.72
N ASP B 145 -18.89 31.64 1.97
CA ASP B 145 -17.92 31.35 0.93
C ASP B 145 -16.72 30.59 1.50
N LEU B 146 -16.25 31.04 2.66
CA LEU B 146 -15.06 30.46 3.29
C LEU B 146 -15.34 29.09 3.84
N VAL B 147 -16.55 28.90 4.32
CA VAL B 147 -16.96 27.63 4.86
C VAL B 147 -17.13 26.66 3.72
N SER B 148 -17.75 27.15 2.66
CA SER B 148 -17.86 26.39 1.41
C SER B 148 -16.50 25.99 0.87
N CYS B 149 -15.52 26.88 0.97
N CYS B 149 -15.52 26.89 0.97
CA CYS B 149 -14.17 26.55 0.53
CA CYS B 149 -14.16 26.60 0.54
C CYS B 149 -13.63 25.36 1.28
C CYS B 149 -13.65 25.37 1.27
N ALA B 150 -13.76 25.40 2.59
CA ALA B 150 -13.24 24.35 3.44
C ALA B 150 -13.94 23.06 3.19
N TYR B 151 -15.25 23.16 2.98
CA TYR B 151 -16.07 22.04 2.60
C TYR B 151 -15.51 21.38 1.35
N GLN B 152 -15.27 22.19 0.31
CA GLN B 152 -14.81 21.66 -0.98
C GLN B 152 -13.45 20.95 -0.88
N VAL B 153 -12.51 21.58 -0.21
CA VAL B 153 -11.19 20.98 -0.02
C VAL B 153 -11.39 19.67 0.67
N ALA B 154 -12.33 19.64 1.60
CA ALA B 154 -12.53 18.48 2.44
C ALA B 154 -13.14 17.37 1.61
N ARG B 155 -14.16 17.76 0.85
CA ARG B 155 -14.76 16.86 -0.14
C ARG B 155 -13.67 16.30 -1.08
N GLY B 156 -12.83 17.17 -1.64
CA GLY B 156 -11.65 16.71 -2.39
C GLY B 156 -10.78 15.71 -1.64
N MET B 157 -10.46 16.01 -0.37
CA MET B 157 -9.60 15.08 0.36
C MET B 157 -10.33 13.77 0.72
N GLU B 158 -11.66 13.81 0.83
CA GLU B 158 -12.42 12.57 1.07
C GLU B 158 -12.16 11.55 -0.04
N TYR B 159 -12.21 12.03 -1.28
CA TYR B 159 -12.04 11.18 -2.46
C TYR B 159 -10.61 10.66 -2.49
N LEU B 160 -9.61 11.54 -2.36
CA LEU B 160 -8.23 11.07 -2.42
C LEU B 160 -8.00 10.02 -1.37
N ALA B 161 -8.69 10.12 -0.23
CA ALA B 161 -8.52 9.13 0.84
C ALA B 161 -9.18 7.81 0.45
N SER B 162 -10.42 7.91 0.00
CA SER B 162 -11.09 6.75 -0.53
C SER B 162 -10.22 6.01 -1.57
N LYS B 163 -9.37 6.72 -2.31
CA LYS B 163 -8.52 6.07 -3.29
C LYS B 163 -7.12 5.86 -2.77
N LYS B 164 -6.99 5.71 -1.45
CA LYS B 164 -5.70 5.47 -0.80
C LYS B 164 -4.58 6.46 -1.19
N CYS B 165 -4.96 7.69 -1.57
CA CYS B 165 -3.95 8.70 -1.84
C CYS B 165 -3.72 9.64 -0.62
N ILE B 166 -2.45 9.72 -0.24
CA ILE B 166 -1.96 10.52 0.84
C ILE B 166 -1.05 11.58 0.26
N HIS B 167 -1.53 12.82 0.38
CA HIS B 167 -0.93 14.00 -0.25
C HIS B 167 0.44 14.36 0.31
N ARG B 168 0.59 14.42 1.63
CA ARG B 168 1.89 14.77 2.28
C ARG B 168 2.29 16.25 2.25
N ASP B 169 1.47 17.10 1.67
CA ASP B 169 1.79 18.52 1.60
C ASP B 169 0.57 19.35 1.28
N LEU B 170 -0.51 19.05 1.98
CA LEU B 170 -1.76 19.75 1.81
C LEU B 170 -1.60 21.09 2.48
N ALA B 171 -2.17 22.13 1.85
CA ALA B 171 -1.86 23.52 2.15
C ALA B 171 -2.59 24.39 1.14
N ALA B 172 -2.95 25.61 1.51
CA ALA B 172 -3.75 26.43 0.58
C ALA B 172 -3.03 26.76 -0.73
N ARG B 173 -1.71 26.77 -0.69
CA ARG B 173 -0.93 26.99 -1.88
C ARG B 173 -1.14 25.81 -2.87
N ASN B 174 -1.51 24.63 -2.38
CA ASN B 174 -1.67 23.47 -3.24
C ASN B 174 -3.11 23.15 -3.48
N VAL B 175 -3.97 24.12 -3.23
CA VAL B 175 -5.33 24.11 -3.69
C VAL B 175 -5.42 25.21 -4.71
N LEU B 176 -6.05 24.94 -5.84
CA LEU B 176 -6.20 25.96 -6.87
C LEU B 176 -7.69 26.20 -7.04
N VAL B 177 -8.03 27.37 -7.58
CA VAL B 177 -9.41 27.83 -7.69
C VAL B 177 -9.80 28.13 -9.15
N THR B 178 -10.86 27.51 -9.64
CA THR B 178 -11.27 27.68 -11.06
C THR B 178 -12.11 28.93 -11.24
N GLU B 179 -12.50 29.17 -12.50
CA GLU B 179 -13.33 30.32 -12.88
C GLU B 179 -14.65 30.42 -12.15
N ASP B 180 -15.29 29.28 -11.91
CA ASP B 180 -16.53 29.22 -11.14
C ASP B 180 -16.22 29.01 -9.66
N ASN B 181 -15.04 29.47 -9.23
CA ASN B 181 -14.61 29.37 -7.84
C ASN B 181 -14.67 27.98 -7.25
N VAL B 182 -14.43 26.96 -8.05
CA VAL B 182 -14.43 25.61 -7.56
C VAL B 182 -13.03 25.37 -7.04
N MET B 183 -12.96 24.65 -5.93
CA MET B 183 -11.71 24.35 -5.25
C MET B 183 -11.22 22.97 -5.66
N LYS B 184 -9.97 22.92 -6.08
CA LYS B 184 -9.36 21.72 -6.58
C LYS B 184 -8.00 21.49 -5.96
N ILE B 185 -7.86 20.36 -5.30
CA ILE B 185 -6.58 19.97 -4.76
C ILE B 185 -5.68 19.60 -5.89
N ALA B 186 -4.41 19.92 -5.72
CA ALA B 186 -3.44 19.81 -6.75
C ALA B 186 -2.19 19.20 -6.18
N ASP B 187 -1.34 18.68 -7.08
CA ASP B 187 -0.08 18.03 -6.73
C ASP B 187 -0.26 16.84 -5.79
N PHE B 188 -1.43 16.19 -5.89
CA PHE B 188 -1.68 14.90 -5.19
C PHE B 188 -1.03 13.69 -5.88
N GLY B 189 -0.82 13.76 -7.18
CA GLY B 189 -0.17 12.68 -7.90
C GLY B 189 1.35 12.66 -7.78
N LEU B 190 1.96 13.68 -7.17
CA LEU B 190 3.42 13.76 -7.10
C LEU B 190 4.07 12.48 -6.57
N LEU B 208 8.62 26.53 6.39
CA LEU B 208 7.58 26.53 5.34
C LEU B 208 6.81 25.17 5.33
N PRO B 209 7.01 24.25 4.33
CA PRO B 209 6.10 23.09 4.38
C PRO B 209 5.99 22.44 5.78
N VAL B 210 7.09 22.49 6.52
CA VAL B 210 7.14 22.01 7.87
C VAL B 210 5.92 22.44 8.71
N LYS B 211 5.46 23.68 8.54
CA LYS B 211 4.44 24.24 9.39
C LYS B 211 3.04 23.80 9.05
N TRP B 212 2.92 22.90 8.09
CA TRP B 212 1.67 22.20 7.82
C TRP B 212 1.75 20.73 8.25
N MET B 213 2.93 20.31 8.74
CA MET B 213 3.17 18.90 9.11
C MET B 213 2.68 18.51 10.50
N ALA B 214 2.07 17.33 10.58
CA ALA B 214 1.71 16.76 11.86
C ALA B 214 3.02 16.47 12.55
N PRO B 215 3.01 16.46 13.89
CA PRO B 215 4.24 16.09 14.63
C PRO B 215 4.77 14.69 14.25
N GLU B 216 3.86 13.72 14.20
CA GLU B 216 4.21 12.33 13.88
C GLU B 216 4.62 12.07 12.42
N ALA B 217 4.75 13.14 11.63
CA ALA B 217 5.51 13.08 10.38
C ALA B 217 6.80 13.89 10.50
N LEU B 218 6.83 14.88 11.39
CA LEU B 218 8.04 15.66 11.65
C LEU B 218 9.14 14.83 12.36
N ARG B 221 9.07 9.73 10.38
CA ARG B 221 8.56 10.29 9.14
C ARG B 221 7.24 9.59 8.67
N ILE B 222 6.39 9.18 9.62
CA ILE B 222 5.11 8.49 9.36
C ILE B 222 3.99 9.35 8.73
N TYR B 223 3.39 8.87 7.65
CA TYR B 223 2.39 9.63 6.90
C TYR B 223 1.09 8.87 6.70
N THR B 224 -0.04 9.49 7.03
CA THR B 224 -1.32 8.84 6.86
C THR B 224 -2.40 9.83 6.45
N HIS B 225 -3.59 9.32 6.23
CA HIS B 225 -4.72 10.17 6.02
C HIS B 225 -4.93 11.05 7.26
N GLN B 226 -4.70 10.51 8.44
CA GLN B 226 -4.80 11.31 9.64
C GLN B 226 -3.72 12.46 9.74
N SER B 227 -2.51 12.24 9.24
N SER B 227 -2.51 12.25 9.23
CA SER B 227 -1.55 13.34 9.12
CA SER B 227 -1.55 13.36 9.15
C SER B 227 -2.04 14.41 8.12
C SER B 227 -1.97 14.41 8.08
N ASP B 228 -2.64 13.97 7.01
CA ASP B 228 -3.26 14.90 6.06
C ASP B 228 -4.36 15.71 6.78
N VAL B 229 -5.11 15.06 7.64
CA VAL B 229 -6.09 15.76 8.45
C VAL B 229 -5.45 16.91 9.29
N TRP B 230 -4.28 16.66 9.87
CA TRP B 230 -3.56 17.72 10.58
C TRP B 230 -3.36 18.92 9.64
N SER B 231 -2.78 18.62 8.48
CA SER B 231 -2.49 19.66 7.53
C SER B 231 -3.78 20.40 7.22
N PHE B 232 -4.90 19.70 7.10
CA PHE B 232 -6.19 20.36 6.81
C PHE B 232 -6.61 21.35 7.87
N GLY B 233 -6.29 21.09 9.14
CA GLY B 233 -6.57 22.08 10.17
C GLY B 233 -5.86 23.38 9.88
N VAL B 234 -4.56 23.26 9.56
CA VAL B 234 -3.75 24.39 9.19
C VAL B 234 -4.38 25.09 7.99
N LEU B 235 -4.88 24.32 7.04
CA LEU B 235 -5.50 24.92 5.86
C LEU B 235 -6.81 25.63 6.24
N LEU B 236 -7.57 25.09 7.19
CA LEU B 236 -8.74 25.81 7.72
C LEU B 236 -8.28 27.14 8.29
N TRP B 237 -7.20 27.08 9.07
CA TRP B 237 -6.62 28.26 9.66
C TRP B 237 -6.28 29.31 8.59
N GLU B 238 -5.70 28.86 7.50
CA GLU B 238 -5.39 29.77 6.44
C GLU B 238 -6.65 30.32 5.87
N ILE B 239 -7.70 29.51 5.84
CA ILE B 239 -8.91 29.96 5.18
C ILE B 239 -9.43 31.16 5.97
N PHE B 240 -9.48 31.02 7.29
CA PHE B 240 -10.16 31.99 8.11
C PHE B 240 -9.28 33.15 8.57
N THR B 241 -7.97 33.06 8.35
CA THR B 241 -7.11 34.24 8.41
C THR B 241 -6.93 34.85 7.04
N LEU B 242 -7.74 34.40 6.07
CA LEU B 242 -7.66 34.84 4.69
C LEU B 242 -6.25 34.80 4.19
N GLY B 243 -5.60 33.67 4.42
CA GLY B 243 -4.29 33.43 3.84
C GLY B 243 -3.17 33.93 4.70
N GLY B 244 -3.36 33.90 6.02
CA GLY B 244 -2.26 34.22 6.93
C GLY B 244 -1.19 33.14 6.92
N SER B 245 0.01 33.48 7.41
CA SER B 245 1.11 32.53 7.54
C SER B 245 1.15 31.88 8.92
N PRO B 246 1.24 30.55 8.95
CA PRO B 246 1.35 29.90 10.24
C PRO B 246 2.65 30.20 10.90
N TYR B 247 2.57 30.46 12.20
CA TYR B 247 3.75 30.57 13.02
C TYR B 247 4.75 31.55 12.39
N PRO B 248 4.28 32.75 12.05
CA PRO B 248 5.22 33.66 11.44
C PRO B 248 6.35 33.88 12.40
N GLY B 249 7.56 33.87 11.86
CA GLY B 249 8.76 34.13 12.62
C GLY B 249 9.27 32.99 13.47
N VAL B 250 8.58 31.85 13.52
CA VAL B 250 9.07 30.69 14.28
C VAL B 250 9.95 29.79 13.40
N PRO B 251 11.19 29.48 13.84
CA PRO B 251 12.01 28.57 13.05
C PRO B 251 11.74 27.09 13.41
N VAL B 252 12.32 26.14 12.67
CA VAL B 252 11.94 24.71 12.80
C VAL B 252 12.11 24.10 14.21
N GLU B 253 13.33 24.14 14.73
CA GLU B 253 13.60 23.68 16.11
C GLU B 253 12.53 24.14 17.08
N GLU B 254 12.26 25.45 17.05
CA GLU B 254 11.34 26.08 17.99
C GLU B 254 9.90 25.58 17.81
N LEU B 255 9.57 25.18 16.57
CA LEU B 255 8.26 24.58 16.24
C LEU B 255 7.99 23.19 16.88
N PHE B 256 8.93 22.26 16.74
CA PHE B 256 8.81 20.95 17.38
C PHE B 256 8.56 21.14 18.87
N LYS B 257 9.40 21.95 19.50
CA LYS B 257 9.26 22.20 20.94
C LYS B 257 7.84 22.60 21.24
N LEU B 258 7.41 23.67 20.59
CA LEU B 258 6.05 24.21 20.78
C LEU B 258 4.96 23.14 20.64
N LEU B 259 5.08 22.33 19.58
CA LEU B 259 4.05 21.34 19.28
C LEU B 259 4.09 20.23 20.28
N LYS B 260 5.29 19.72 20.58
CA LYS B 260 5.46 18.69 21.64
C LYS B 260 4.80 19.23 22.91
N GLU B 261 5.15 20.46 23.25
CA GLU B 261 4.61 21.12 24.43
C GLU B 261 3.14 21.52 24.27
N GLY B 262 2.50 21.18 23.15
CA GLY B 262 1.04 21.30 23.00
C GLY B 262 0.52 22.69 22.66
N HIS B 263 1.41 23.60 22.25
CA HIS B 263 0.98 24.85 21.63
C HIS B 263 0.21 24.61 20.32
N ARG B 264 -0.84 25.39 20.14
CA ARG B 264 -1.65 25.41 18.93
C ARG B 264 -1.83 26.88 18.57
N MET B 265 -2.13 27.17 17.31
CA MET B 265 -2.34 28.55 16.91
C MET B 265 -3.67 28.97 17.49
N ASP B 266 -3.84 30.28 17.60
CA ASP B 266 -5.00 30.83 18.24
C ASP B 266 -6.09 31.00 17.18
N LYS B 267 -7.31 31.04 17.68
CA LYS B 267 -8.47 31.26 16.87
C LYS B 267 -8.25 32.54 16.13
N PRO B 268 -8.33 32.52 14.80
CA PRO B 268 -8.28 33.80 14.10
C PRO B 268 -9.52 34.60 14.37
N SER B 269 -9.45 35.91 14.14
CA SER B 269 -10.62 36.75 14.40
C SER B 269 -11.74 36.52 13.36
N ASN B 270 -12.98 36.60 13.82
CA ASN B 270 -14.13 36.33 12.99
C ASN B 270 -14.09 34.87 12.45
N CYS B 271 -13.60 33.96 13.29
CA CYS B 271 -13.83 32.54 13.11
C CYS B 271 -14.63 32.14 14.34
N THR B 272 -15.53 31.18 14.17
CA THR B 272 -16.45 30.77 15.24
C THR B 272 -15.77 29.71 16.10
N ASN B 273 -16.31 29.54 17.31
CA ASN B 273 -15.87 28.49 18.23
C ASN B 273 -15.92 27.10 17.55
N GLU B 274 -16.99 26.86 16.79
CA GLU B 274 -17.25 25.57 16.14
C GLU B 274 -16.15 25.19 15.14
N LEU B 275 -15.86 26.12 14.24
CA LEU B 275 -14.80 25.97 13.24
C LEU B 275 -13.43 25.87 13.90
N TYR B 276 -13.26 26.59 14.99
CA TYR B 276 -12.01 26.57 15.68
C TYR B 276 -11.89 25.24 16.42
N MET B 277 -13.01 24.66 16.83
CA MET B 277 -12.95 23.35 17.52
C MET B 277 -12.59 22.28 16.52
N MET B 278 -13.11 22.44 15.31
CA MET B 278 -12.72 21.58 14.20
C MET B 278 -11.20 21.63 14.00
N MET B 279 -10.63 22.83 13.86
CA MET B 279 -9.20 22.99 13.82
C MET B 279 -8.53 22.27 14.96
N ARG B 280 -9.00 22.51 16.16
CA ARG B 280 -8.34 21.96 17.31
C ARG B 280 -8.43 20.44 17.26
N ASP B 281 -9.54 19.93 16.74
CA ASP B 281 -9.71 18.47 16.56
C ASP B 281 -8.67 17.88 15.58
N CYS B 282 -8.46 18.57 14.47
CA CYS B 282 -7.44 18.19 13.47
C CYS B 282 -6.05 18.24 14.03
N TRP B 283 -5.80 19.10 15.03
CA TRP B 283 -4.46 19.15 15.65
C TRP B 283 -4.28 18.27 16.90
N HIS B 284 -5.25 17.40 17.19
CA HIS B 284 -5.11 16.42 18.28
C HIS B 284 -3.78 15.68 18.15
N ALA B 285 -3.11 15.38 19.26
CA ALA B 285 -1.76 14.79 19.20
C ALA B 285 -1.82 13.28 18.95
N VAL B 286 -2.89 12.62 19.40
CA VAL B 286 -3.21 11.24 18.98
C VAL B 286 -3.97 11.17 17.63
N PRO B 287 -3.28 10.66 16.58
CA PRO B 287 -3.86 10.57 15.23
C PRO B 287 -5.23 9.88 15.11
N SER B 288 -5.47 8.83 15.90
CA SER B 288 -6.75 8.12 15.87
C SER B 288 -7.89 8.93 16.51
N GLN B 289 -7.56 9.96 17.30
CA GLN B 289 -8.55 10.92 17.87
C GLN B 289 -8.93 12.08 16.92
N ARG B 290 -8.04 12.42 16.01
CA ARG B 290 -8.35 13.42 15.00
C ARG B 290 -9.45 12.85 14.11
N PRO B 291 -10.37 13.70 13.64
CA PRO B 291 -11.44 13.19 12.76
C PRO B 291 -10.98 12.71 11.35
N THR B 292 -11.92 12.20 10.60
CA THR B 292 -11.64 11.79 9.25
C THR B 292 -12.21 12.81 8.33
N PHE B 293 -11.73 12.79 7.10
CA PHE B 293 -12.27 13.67 6.08
C PHE B 293 -13.76 13.36 5.88
N LYS B 294 -14.12 12.07 6.02
CA LYS B 294 -15.50 11.69 5.91
C LYS B 294 -16.31 12.39 7.02
N GLN B 295 -15.86 12.31 8.28
CA GLN B 295 -16.48 13.08 9.41
C GLN B 295 -16.44 14.59 9.17
N LEU B 296 -15.28 15.04 8.68
CA LEU B 296 -15.10 16.45 8.39
C LEU B 296 -16.06 16.94 7.33
N VAL B 297 -16.43 16.06 6.41
CA VAL B 297 -17.41 16.42 5.39
C VAL B 297 -18.84 16.52 5.91
N GLU B 298 -19.30 15.54 6.69
CA GLU B 298 -20.63 15.59 7.29
C GLU B 298 -20.74 16.85 8.13
N ASP B 299 -19.73 17.03 8.99
CA ASP B 299 -19.65 18.23 9.83
C ASP B 299 -19.76 19.45 8.96
N LEU B 300 -18.89 19.56 7.96
CA LEU B 300 -18.84 20.80 7.17
C LEU B 300 -20.09 21.01 6.31
N ASP B 301 -20.78 19.91 6.00
CA ASP B 301 -22.03 19.98 5.24
C ASP B 301 -23.14 20.64 6.04
N ARG B 302 -23.42 20.11 7.23
CA ARG B 302 -24.28 20.82 8.18
C ARG B 302 -23.85 22.30 8.22
N ILE B 303 -22.60 22.57 8.57
CA ILE B 303 -22.19 23.96 8.82
C ILE B 303 -22.42 24.89 7.63
N VAL B 304 -22.14 24.41 6.43
CA VAL B 304 -22.45 25.22 5.26
C VAL B 304 -23.94 25.64 5.28
N ALA B 305 -24.82 24.67 5.56
CA ALA B 305 -26.25 24.97 5.61
C ALA B 305 -26.55 26.08 6.67
N LEU B 306 -26.12 25.86 7.91
CA LEU B 306 -26.42 26.78 9.01
C LEU B 306 -25.71 28.17 8.92
N THR B 307 -24.96 28.42 7.85
CA THR B 307 -24.24 29.69 7.69
C THR B 307 -24.91 30.61 6.64
N SER B 308 -25.09 31.88 6.99
CA SER B 308 -25.74 32.86 6.11
C SER B 308 -24.90 34.14 6.01
CAG WP1 C . 11.04 -20.80 -3.84
CAH WP1 C . 9.64 -21.27 -4.16
CAJ WP1 C . 9.71 -22.65 -4.81
CAK WP1 C . 8.82 -21.38 -2.85
OAI WP1 C . 9.03 -20.31 -5.08
CAC WP1 C . 9.95 -19.20 -5.13
CAB WP1 C . 11.09 -19.45 -4.46
CAA WP1 C . 12.07 -18.55 -4.38
CAF WP1 C . 11.91 -17.31 -5.02
CAE WP1 C . 10.74 -17.04 -5.73
CAD WP1 C . 9.77 -18.04 -5.78
CAL WP1 C . 8.50 -17.76 -6.52
OAN WP1 C . 8.25 -16.63 -6.99
NAM WP1 C . 7.66 -18.80 -6.64
CAG WP1 D . 0.57 23.17 -11.30
CAH WP1 D . -0.48 22.16 -11.58
CAJ WP1 D . 0.05 21.13 -12.59
CAK WP1 D . -0.87 21.45 -10.26
OAI WP1 D . -1.65 22.82 -12.10
CAC WP1 D . -1.27 24.18 -12.31
CAB WP1 D . -0.01 24.42 -11.89
CAA WP1 D . 0.55 25.63 -11.98
CAF WP1 D . -0.19 26.66 -12.53
CAE WP1 D . -1.49 26.42 -12.99
CAD WP1 D . -2.02 25.14 -12.87
CAL WP1 D . -3.45 24.87 -13.33
OAN WP1 D . -4.18 25.76 -13.81
NAM WP1 D . -3.91 23.62 -13.14
#